data_6JDG
#
_entry.id   6JDG
#
_cell.length_a   60.042
_cell.length_b   60.042
_cell.length_c   129.642
_cell.angle_alpha   90.00
_cell.angle_beta   90.00
_cell.angle_gamma   120.00
#
_symmetry.space_group_name_H-M   'P 31'
#
loop_
_entity.id
_entity.type
_entity.pdbx_description
1 polymer 'Single-stranded DNA-binding protein'
2 polymer "DNA (5'-D(P*TP*TP*TP*TP*TP*TP*TP*TP*TP*TP*TP*TP*TP*TP*TP*TP*TP*TP*TP*T)-3')"
3 water water
#
loop_
_entity_poly.entity_id
_entity_poly.type
_entity_poly.pdbx_seq_one_letter_code
_entity_poly.pdbx_strand_id
1 'polypeptide(L)'
;MARGVNKVILVGNVGGDPETRYMPNGNAVTNITLATSESWKDKQTGQQQERTEWHRVVFFGRLAEIAGEYLRKGSQVYVE
GSLRTRKWQGQDGQDRYTTEIVVDINGNMQLLGGRHHHHHH
;
A,B,C,D
2 'polydeoxyribonucleotide' (DT)(DT)(DT)(DT)(DT)(DT)(DT)(DT)(DT)(DT)(DT)(DT)(DT)(DT)(DT)(DT)(DT)(DT)(DT)(DT) E,F,G
#
# COMPACT_ATOMS: atom_id res chain seq x y z
N ARG A 3 18.18 -2.22 -1.37
CA ARG A 3 17.02 -2.43 -0.52
C ARG A 3 16.26 -1.10 -0.38
N GLY A 4 15.19 -0.97 -1.14
CA GLY A 4 14.29 0.17 -1.01
C GLY A 4 12.91 -0.18 -1.51
N VAL A 5 11.93 0.59 -1.03
CA VAL A 5 10.54 0.48 -1.44
C VAL A 5 10.03 1.87 -1.80
N ASN A 6 9.37 1.97 -2.95
CA ASN A 6 8.90 3.23 -3.50
C ASN A 6 7.53 2.92 -4.13
N LYS A 7 6.48 3.12 -3.35
CA LYS A 7 5.14 2.74 -3.76
C LYS A 7 4.15 3.86 -3.52
N VAL A 8 3.31 4.12 -4.52
CA VAL A 8 2.25 5.11 -4.45
C VAL A 8 0.97 4.40 -4.82
N ILE A 9 -0.12 4.71 -4.11
CA ILE A 9 -1.41 4.13 -4.38
C ILE A 9 -2.41 5.27 -4.36
N LEU A 10 -3.11 5.45 -5.46
CA LEU A 10 -4.07 6.53 -5.61
C LEU A 10 -5.41 5.97 -6.08
N VAL A 11 -6.47 6.51 -5.51
CA VAL A 11 -7.81 6.36 -6.05
C VAL A 11 -8.34 7.77 -6.22
N GLY A 12 -8.76 8.09 -7.44
CA GLY A 12 -9.05 9.46 -7.77
C GLY A 12 -9.69 9.54 -9.13
N ASN A 13 -9.87 10.78 -9.59
CA ASN A 13 -10.58 11.04 -10.83
C ASN A 13 -9.69 11.71 -11.86
N VAL A 14 -9.73 11.21 -13.09
CA VAL A 14 -8.89 11.76 -14.15
C VAL A 14 -9.39 13.14 -14.55
N GLY A 15 -8.46 14.09 -14.60
CA GLY A 15 -8.84 15.46 -14.89
C GLY A 15 -9.20 15.74 -16.34
N GLY A 16 -8.58 15.00 -17.28
CA GLY A 16 -8.81 15.16 -18.70
C GLY A 16 -8.42 13.90 -19.44
N ASP A 17 -8.83 13.85 -20.70
CA ASP A 17 -8.60 12.66 -21.54
C ASP A 17 -7.12 12.30 -21.62
N PRO A 18 -6.76 11.02 -21.62
CA PRO A 18 -5.35 10.64 -21.71
C PRO A 18 -4.67 11.15 -22.97
N GLU A 19 -3.37 11.33 -22.87
CA GLU A 19 -2.50 11.59 -23.99
C GLU A 19 -1.55 10.41 -24.11
N THR A 20 -1.73 9.62 -25.16
CA THR A 20 -0.88 8.47 -25.42
C THR A 20 0.05 8.81 -26.58
N ARG A 21 1.33 8.76 -26.32
CA ARG A 21 2.34 9.05 -27.32
C ARG A 21 3.10 7.77 -27.62
N TYR A 22 3.23 7.46 -28.90
CA TYR A 22 3.99 6.29 -29.32
C TYR A 22 5.38 6.72 -29.76
N MET A 23 6.35 5.87 -29.49
CA MET A 23 7.74 6.09 -29.85
C MET A 23 8.12 5.22 -31.05
N PRO A 24 9.24 5.55 -31.73
CA PRO A 24 9.63 4.77 -32.93
C PRO A 24 9.65 3.27 -32.68
N ASN A 25 10.08 2.91 -31.49
CA ASN A 25 10.17 1.56 -30.98
C ASN A 25 8.81 0.89 -30.89
N GLY A 26 7.73 1.66 -30.83
CA GLY A 26 6.40 1.13 -30.60
C GLY A 26 6.02 1.00 -29.13
N ASN A 27 6.89 1.43 -28.22
CA ASN A 27 6.52 1.59 -26.83
C ASN A 27 5.66 2.84 -26.70
N ALA A 28 4.62 2.73 -25.89
CA ALA A 28 3.71 3.83 -25.66
C ALA A 28 4.03 4.50 -24.32
N VAL A 29 3.67 5.78 -24.23
CA VAL A 29 3.71 6.54 -22.99
C VAL A 29 2.39 7.25 -22.88
N THR A 30 1.72 7.12 -21.74
CA THR A 30 0.42 7.73 -21.55
C THR A 30 0.46 8.66 -20.35
N ASN A 31 -0.02 9.89 -20.55
CA ASN A 31 -0.03 10.89 -19.50
C ASN A 31 -1.46 11.20 -19.12
N ILE A 32 -1.67 11.39 -17.82
CA ILE A 32 -2.92 11.88 -17.26
C ILE A 32 -2.56 12.76 -16.06
N THR A 33 -3.55 13.51 -15.61
CA THR A 33 -3.50 14.03 -14.26
C THR A 33 -4.65 13.41 -13.50
N LEU A 34 -4.55 13.48 -12.19
CA LEU A 34 -5.46 12.71 -11.35
C LEU A 34 -5.66 13.47 -10.05
N ALA A 35 -6.92 13.56 -9.65
CA ALA A 35 -7.36 14.34 -8.51
C ALA A 35 -7.77 13.42 -7.37
N THR A 36 -7.22 13.67 -6.19
CA THR A 36 -7.66 13.02 -4.95
C THR A 36 -8.10 14.10 -3.96
N SER A 37 -9.16 13.82 -3.24
CA SER A 37 -9.77 14.81 -2.35
C SER A 37 -9.85 14.24 -0.96
N GLU A 38 -9.52 15.07 0.03
CA GLU A 38 -9.72 14.72 1.44
C GLU A 38 -11.05 15.26 1.96
N GLN A 49 -12.28 23.51 3.21
CA GLN A 49 -13.17 22.36 3.35
C GLN A 49 -12.67 21.14 2.57
N GLU A 50 -13.38 20.78 1.49
CA GLU A 50 -12.88 19.77 0.57
C GLU A 50 -11.57 20.24 -0.07
N ARG A 51 -10.63 19.33 -0.24
CA ARG A 51 -9.25 19.69 -0.61
C ARG A 51 -8.75 18.73 -1.68
N THR A 52 -8.59 19.22 -2.91
CA THR A 52 -8.22 18.42 -4.06
C THR A 52 -6.71 18.48 -4.28
N GLU A 53 -6.07 17.32 -4.38
CA GLU A 53 -4.68 17.22 -4.77
C GLU A 53 -4.59 16.68 -6.20
N TRP A 54 -3.77 17.32 -7.03
CA TRP A 54 -3.60 16.92 -8.42
C TRP A 54 -2.29 16.15 -8.58
N HIS A 55 -2.39 14.94 -9.14
CA HIS A 55 -1.22 14.12 -9.38
C HIS A 55 -0.96 14.00 -10.88
N ARG A 56 0.31 14.07 -11.27
CA ARG A 56 0.74 13.70 -12.61
C ARG A 56 1.09 12.22 -12.61
N VAL A 57 0.32 11.43 -13.35
CA VAL A 57 0.56 10.00 -13.50
C VAL A 57 0.95 9.71 -14.95
N VAL A 58 2.00 8.92 -15.12
CA VAL A 58 2.53 8.56 -16.42
C VAL A 58 2.64 7.04 -16.50
N PHE A 59 2.09 6.44 -17.55
CA PHE A 59 2.08 4.99 -17.73
C PHE A 59 3.05 4.61 -18.84
N PHE A 60 3.80 3.54 -18.61
CA PHE A 60 4.76 2.98 -19.55
C PHE A 60 4.37 1.57 -19.93
N GLY A 61 4.73 1.18 -21.14
CA GLY A 61 4.53 -0.20 -21.55
C GLY A 61 3.09 -0.54 -21.89
N ARG A 62 2.74 -1.80 -21.64
CA ARG A 62 1.38 -2.26 -21.87
C ARG A 62 0.38 -1.34 -21.18
N LEU A 63 0.66 -0.97 -19.92
CA LEU A 63 -0.27 -0.16 -19.15
C LEU A 63 -0.43 1.23 -19.73
N ALA A 64 0.55 1.70 -20.52
CA ALA A 64 0.33 2.95 -21.25
C ALA A 64 -0.78 2.78 -22.28
N GLU A 65 -0.77 1.66 -22.99
CA GLU A 65 -1.80 1.42 -23.99
C GLU A 65 -3.13 1.14 -23.33
N ILE A 66 -3.11 0.44 -22.20
CA ILE A 66 -4.35 0.09 -21.52
C ILE A 66 -4.97 1.33 -20.88
N ALA A 67 -4.16 2.18 -20.26
CA ALA A 67 -4.66 3.46 -19.75
C ALA A 67 -5.18 4.33 -20.89
N GLY A 68 -4.44 4.38 -22.01
CA GLY A 68 -4.88 5.18 -23.13
C GLY A 68 -6.21 4.69 -23.68
N GLU A 69 -6.42 3.39 -23.67
CA GLU A 69 -7.64 2.82 -24.19
C GLU A 69 -8.82 3.14 -23.28
N TYR A 70 -8.60 3.09 -21.96
CA TYR A 70 -9.71 2.95 -21.03
C TYR A 70 -9.97 4.17 -20.16
N LEU A 71 -8.98 5.00 -19.89
CA LEU A 71 -9.23 6.18 -19.08
C LEU A 71 -9.84 7.29 -19.93
N ARG A 72 -10.81 8.00 -19.34
CA ARG A 72 -11.32 9.25 -19.89
C ARG A 72 -11.42 10.30 -18.78
N LYS A 73 -11.60 11.55 -19.20
CA LYS A 73 -11.93 12.62 -18.25
C LYS A 73 -13.07 12.19 -17.33
N GLY A 74 -12.87 12.36 -16.02
CA GLY A 74 -13.86 11.92 -15.05
C GLY A 74 -13.73 10.47 -14.59
N SER A 75 -12.97 9.64 -15.30
CA SER A 75 -12.84 8.24 -14.90
C SER A 75 -12.34 8.15 -13.47
N GLN A 76 -13.01 7.32 -12.67
CA GLN A 76 -12.53 6.96 -11.35
C GLN A 76 -11.58 5.79 -11.52
N VAL A 77 -10.35 5.92 -11.02
CA VAL A 77 -9.35 4.90 -11.27
C VAL A 77 -8.46 4.69 -10.06
N TYR A 78 -8.04 3.44 -9.88
CA TYR A 78 -6.99 3.06 -8.96
C TYR A 78 -5.69 2.94 -9.71
N VAL A 79 -4.62 3.52 -9.17
CA VAL A 79 -3.28 3.39 -9.72
C VAL A 79 -2.30 3.04 -8.62
N GLU A 80 -1.39 2.17 -8.94
CA GLU A 80 -0.28 1.81 -8.07
C GLU A 80 0.99 1.99 -8.89
N GLY A 81 1.92 2.79 -8.38
CA GLY A 81 3.15 3.05 -9.08
C GLY A 81 4.25 3.41 -8.13
N SER A 82 5.24 4.15 -8.68
CA SER A 82 6.39 4.64 -7.92
C SER A 82 6.62 6.12 -8.16
N LEU A 83 7.20 6.79 -7.16
CA LEU A 83 7.50 8.20 -7.27
C LEU A 83 8.78 8.43 -8.06
N ARG A 84 8.73 9.41 -8.94
CA ARG A 84 9.85 9.81 -9.71
C ARG A 84 9.83 11.33 -9.85
N THR A 85 10.89 11.99 -9.41
CA THR A 85 11.02 13.43 -9.49
C THR A 85 12.01 13.79 -10.59
N ARG A 86 11.55 14.57 -11.57
CA ARG A 86 12.34 14.98 -12.73
C ARG A 86 12.82 16.41 -12.54
N LYS A 87 14.13 16.62 -12.66
CA LYS A 87 14.73 17.94 -12.66
C LYS A 87 14.75 18.54 -14.07
N TRP A 88 14.55 19.85 -14.16
CA TRP A 88 14.62 20.52 -15.46
C TRP A 88 14.89 22.01 -15.27
N GLN A 89 15.61 22.58 -16.23
CA GLN A 89 15.92 24.01 -16.20
C GLN A 89 14.80 24.78 -16.89
N GLY A 90 14.15 25.68 -16.14
CA GLY A 90 13.12 26.51 -16.73
C GLY A 90 13.69 27.63 -17.61
N GLN A 91 12.81 28.26 -18.38
CA GLN A 91 13.23 29.36 -19.24
C GLN A 91 13.92 30.46 -18.45
N ASP A 92 13.48 30.71 -17.22
CA ASP A 92 14.19 31.63 -16.33
C ASP A 92 15.63 31.20 -16.03
N GLY A 93 16.05 30.04 -16.54
CA GLY A 93 17.32 29.45 -16.22
C GLY A 93 17.36 28.66 -14.92
N GLN A 94 16.33 28.76 -14.09
CA GLN A 94 16.33 28.17 -12.75
C GLN A 94 15.88 26.71 -12.73
N ASP A 95 16.44 25.95 -11.78
CA ASP A 95 16.04 24.56 -11.55
C ASP A 95 14.59 24.47 -11.09
N ARG A 96 13.84 23.58 -11.74
CA ARG A 96 12.51 23.19 -11.34
C ARG A 96 12.47 21.67 -11.15
N TYR A 97 11.38 21.20 -10.54
CA TYR A 97 11.24 19.79 -10.21
C TYR A 97 9.79 19.38 -10.42
N THR A 98 9.58 18.32 -11.20
CA THR A 98 8.27 17.72 -11.35
C THR A 98 8.28 16.32 -10.76
N THR A 99 7.40 16.06 -9.81
CA THR A 99 7.32 14.76 -9.18
C THR A 99 6.13 14.05 -9.78
N GLU A 100 6.39 12.89 -10.39
CA GLU A 100 5.34 12.11 -11.03
C GLU A 100 5.20 10.75 -10.38
N ILE A 101 4.05 10.17 -10.65
CA ILE A 101 3.75 8.79 -10.31
C ILE A 101 3.91 7.97 -11.58
N VAL A 102 4.88 7.06 -11.55
CA VAL A 102 5.26 6.27 -12.69
C VAL A 102 4.63 4.90 -12.52
N VAL A 103 3.81 4.49 -13.49
CA VAL A 103 3.10 3.22 -13.52
C VAL A 103 3.68 2.44 -14.68
N ASP A 104 4.35 1.35 -14.37
CA ASP A 104 4.91 0.49 -15.40
C ASP A 104 4.66 -0.95 -14.96
N ILE A 105 5.48 -1.89 -15.44
CA ILE A 105 5.19 -3.31 -15.26
C ILE A 105 5.11 -3.65 -13.78
N ASN A 106 5.86 -2.93 -12.94
CA ASN A 106 5.79 -3.14 -11.50
C ASN A 106 4.54 -2.53 -10.86
N GLY A 107 3.72 -1.82 -11.63
CA GLY A 107 2.58 -1.13 -11.10
C GLY A 107 1.26 -1.72 -11.56
N ASN A 108 0.20 -0.95 -11.33
CA ASN A 108 -1.13 -1.49 -11.54
C ASN A 108 -2.05 -0.33 -11.85
N MET A 109 -3.08 -0.63 -12.63
CA MET A 109 -4.13 0.31 -12.98
C MET A 109 -5.44 -0.46 -13.05
N GLN A 110 -6.46 0.02 -12.37
CA GLN A 110 -7.76 -0.64 -12.41
C GLN A 110 -8.81 0.44 -12.56
N LEU A 111 -9.52 0.43 -13.69
CA LEU A 111 -10.63 1.35 -13.89
C LEU A 111 -11.73 0.98 -12.91
N LEU A 112 -12.27 1.99 -12.23
CA LEU A 112 -13.30 1.75 -11.25
C LEU A 112 -14.67 2.15 -11.81
N GLY A 113 -15.72 1.67 -11.16
CA GLY A 113 -17.07 1.95 -11.59
C GLY A 113 -17.74 0.77 -12.26
N ARG B 3 -13.68 12.28 -2.55
CA ARG B 3 -13.57 10.83 -2.34
C ARG B 3 -12.32 10.27 -3.01
N GLY B 4 -11.21 10.20 -2.28
CA GLY B 4 -10.03 9.60 -2.85
C GLY B 4 -9.12 8.93 -1.84
N VAL B 5 -8.02 8.41 -2.37
CA VAL B 5 -6.99 7.74 -1.61
C VAL B 5 -5.68 8.28 -2.13
N ASN B 6 -4.79 8.60 -1.21
CA ASN B 6 -3.57 9.29 -1.49
C ASN B 6 -2.57 8.71 -0.49
N LYS B 7 -1.82 7.70 -0.95
CA LYS B 7 -1.03 6.88 -0.05
C LYS B 7 0.35 6.67 -0.61
N VAL B 8 1.37 6.88 0.23
CA VAL B 8 2.74 6.68 -0.19
C VAL B 8 3.43 5.84 0.85
N ILE B 9 4.20 4.85 0.39
CA ILE B 9 4.92 3.94 1.26
C ILE B 9 6.36 3.87 0.78
N LEU B 10 7.27 4.30 1.63
CA LEU B 10 8.68 4.26 1.30
C LEU B 10 9.41 3.49 2.38
N VAL B 11 10.43 2.75 1.95
CA VAL B 11 11.47 2.22 2.81
C VAL B 11 12.78 2.62 2.19
N GLY B 12 13.54 3.45 2.88
CA GLY B 12 14.87 3.78 2.44
C GLY B 12 15.70 4.41 3.53
N ASN B 13 16.70 5.17 3.11
CA ASN B 13 17.75 5.66 3.98
C ASN B 13 17.76 7.16 4.00
N VAL B 14 17.92 7.71 5.21
CA VAL B 14 17.91 9.15 5.41
C VAL B 14 19.18 9.81 4.84
N GLY B 15 18.98 10.93 4.13
CA GLY B 15 20.10 11.64 3.50
C GLY B 15 20.95 12.47 4.45
N GLY B 16 20.35 13.04 5.49
CA GLY B 16 21.09 13.79 6.49
C GLY B 16 20.28 13.89 7.76
N ASP B 17 20.85 14.56 8.75
CA ASP B 17 20.19 14.63 10.04
C ASP B 17 18.85 15.38 9.90
N PRO B 18 17.81 14.94 10.58
CA PRO B 18 16.51 15.61 10.47
C PRO B 18 16.62 17.05 10.96
N GLU B 19 15.77 17.89 10.40
CA GLU B 19 15.58 19.25 10.84
C GLU B 19 14.21 19.34 11.48
N THR B 20 14.12 19.88 12.68
CA THR B 20 12.82 20.01 13.30
C THR B 20 12.65 21.42 13.84
N ARG B 21 11.45 21.96 13.62
CA ARG B 21 11.07 23.30 13.99
C ARG B 21 9.75 23.21 14.74
N TYR B 22 9.38 24.32 15.36
CA TYR B 22 8.25 24.38 16.27
C TYR B 22 7.31 25.50 15.84
N MET B 23 6.05 25.14 15.64
CA MET B 23 5.02 26.08 15.24
C MET B 23 4.65 26.98 16.42
N PRO B 24 3.85 28.02 16.18
CA PRO B 24 3.36 28.83 17.32
C PRO B 24 2.80 27.98 18.47
N ASN B 25 1.88 27.08 18.16
CA ASN B 25 1.20 26.22 19.12
C ASN B 25 2.10 25.19 19.78
N GLY B 26 3.40 25.17 19.47
CA GLY B 26 4.30 24.24 20.13
C GLY B 26 4.54 22.94 19.41
N ASN B 27 3.77 22.62 18.37
CA ASN B 27 3.89 21.32 17.72
C ASN B 27 5.11 21.26 16.81
N ALA B 28 5.86 20.17 16.90
CA ALA B 28 7.03 19.92 16.10
C ALA B 28 6.65 19.57 14.65
N VAL B 29 7.60 19.82 13.76
CA VAL B 29 7.52 19.48 12.34
C VAL B 29 8.92 19.05 11.95
N THR B 30 9.07 17.81 11.51
CA THR B 30 10.39 17.32 11.13
C THR B 30 10.41 17.03 9.64
N ASN B 31 11.46 17.48 8.96
CA ASN B 31 11.62 17.17 7.55
C ASN B 31 12.95 16.46 7.36
N ILE B 32 12.94 15.57 6.37
CA ILE B 32 14.11 14.81 5.97
C ILE B 32 14.03 14.66 4.47
N THR B 33 15.12 14.24 3.88
CA THR B 33 15.12 13.60 2.58
C THR B 33 15.42 12.13 2.78
N LEU B 34 14.86 11.31 1.90
CA LEU B 34 14.87 9.87 2.04
C LEU B 34 15.27 9.27 0.70
N ALA B 35 16.23 8.37 0.72
CA ALA B 35 16.70 7.74 -0.51
C ALA B 35 16.13 6.34 -0.66
N THR B 36 15.55 6.07 -1.82
CA THR B 36 15.07 4.75 -2.22
C THR B 36 15.79 4.38 -3.51
N SER B 37 16.29 3.16 -3.56
CA SER B 37 17.13 2.73 -4.66
C SER B 37 16.49 1.56 -5.38
N GLU B 38 16.55 1.59 -6.70
CA GLU B 38 16.00 0.55 -7.56
C GLU B 38 17.13 0.00 -8.41
N SER B 39 17.35 -1.32 -8.33
CA SER B 39 18.46 -1.95 -9.06
C SER B 39 18.18 -2.08 -10.55
N GLU B 50 22.05 1.79 -7.99
CA GLU B 50 21.97 1.74 -9.45
C GLU B 50 21.25 2.96 -10.00
N ARG B 51 20.07 3.27 -9.47
CA ARG B 51 19.32 4.51 -9.75
C ARG B 51 18.55 4.91 -8.49
N THR B 52 18.96 5.98 -7.84
CA THR B 52 18.41 6.39 -6.56
C THR B 52 17.33 7.45 -6.79
N GLU B 53 16.30 7.43 -5.96
CA GLU B 53 15.26 8.45 -5.98
C GLU B 53 15.21 9.16 -4.63
N TRP B 54 15.14 10.50 -4.65
CA TRP B 54 15.16 11.31 -3.44
C TRP B 54 13.79 11.90 -3.17
N HIS B 55 13.30 11.71 -1.96
CA HIS B 55 11.96 12.08 -1.58
C HIS B 55 12.05 13.10 -0.45
N ARG B 56 11.12 13.99 -0.41
CA ARG B 56 11.08 14.94 0.62
C ARG B 56 9.95 14.55 1.53
N VAL B 57 10.25 14.21 2.76
CA VAL B 57 9.27 13.72 3.73
C VAL B 57 9.13 14.74 4.83
N VAL B 58 7.89 15.03 5.23
CA VAL B 58 7.62 15.96 6.30
C VAL B 58 6.68 15.29 7.30
N PHE B 59 7.14 15.20 8.56
CA PHE B 59 6.40 14.60 9.68
C PHE B 59 5.73 15.68 10.52
N PHE B 60 4.51 15.43 10.96
CA PHE B 60 3.78 16.34 11.83
C PHE B 60 3.44 15.66 13.14
N GLY B 61 3.19 16.47 14.17
CA GLY B 61 2.83 16.01 15.49
C GLY B 61 3.81 14.99 16.07
N ARG B 62 3.24 14.04 16.82
CA ARG B 62 4.00 13.03 17.55
C ARG B 62 5.16 12.44 16.75
N LEU B 63 4.89 11.99 15.52
CA LEU B 63 5.91 11.32 14.72
C LEU B 63 7.06 12.28 14.37
N ALA B 64 6.77 13.58 14.27
CA ALA B 64 7.82 14.56 14.04
C ALA B 64 8.84 14.55 15.18
N GLU B 65 8.36 14.54 16.43
CA GLU B 65 9.25 14.40 17.58
C GLU B 65 10.02 13.09 17.52
N ILE B 66 9.33 11.98 17.25
CA ILE B 66 10.04 10.71 17.22
C ILE B 66 11.05 10.73 16.10
N ALA B 67 10.64 11.17 14.91
CA ALA B 67 11.59 11.25 13.79
C ALA B 67 12.76 12.17 14.15
N GLY B 68 12.46 13.35 14.67
CA GLY B 68 13.53 14.26 15.10
C GLY B 68 14.52 13.61 16.05
N GLU B 69 14.04 12.73 16.93
CA GLU B 69 14.87 12.23 18.01
C GLU B 69 15.74 11.05 17.58
N TYR B 70 15.22 10.15 16.74
CA TYR B 70 15.92 8.89 16.47
C TYR B 70 16.45 8.74 15.05
N LEU B 71 16.06 9.59 14.12
CA LEU B 71 16.59 9.49 12.78
C LEU B 71 17.90 10.26 12.67
N ARG B 72 18.79 9.76 11.82
CA ARG B 72 20.04 10.45 11.49
C ARG B 72 20.50 9.97 10.12
N LYS B 73 21.50 10.66 9.57
CA LYS B 73 22.11 10.30 8.31
C LYS B 73 22.34 8.79 8.21
N GLY B 74 21.62 8.14 7.28
CA GLY B 74 21.80 6.73 6.99
C GLY B 74 20.83 5.79 7.70
N SER B 75 20.03 6.30 8.63
CA SER B 75 19.02 5.48 9.28
C SER B 75 18.08 4.88 8.25
N GLN B 76 17.84 3.58 8.34
CA GLN B 76 16.86 2.91 7.50
C GLN B 76 15.47 3.06 8.11
N VAL B 77 14.51 3.56 7.33
CA VAL B 77 13.22 3.91 7.90
C VAL B 77 12.09 3.49 6.96
N TYR B 78 10.99 3.09 7.56
CA TYR B 78 9.73 2.91 6.87
C TYR B 78 8.86 4.13 7.12
N VAL B 79 8.21 4.60 6.07
CA VAL B 79 7.44 5.83 6.10
C VAL B 79 6.15 5.61 5.33
N GLU B 80 5.06 6.10 5.89
CA GLU B 80 3.76 6.00 5.23
C GLU B 80 3.03 7.34 5.34
N GLY B 81 2.62 7.87 4.20
CA GLY B 81 1.98 9.15 4.19
C GLY B 81 1.18 9.42 2.94
N SER B 82 0.98 10.70 2.68
CA SER B 82 0.23 11.18 1.53
C SER B 82 1.06 12.20 0.75
N LEU B 83 0.82 12.24 -0.56
CA LEU B 83 1.49 13.22 -1.40
C LEU B 83 0.85 14.59 -1.21
N ARG B 84 1.68 15.61 -1.09
CA ARG B 84 1.11 16.96 -1.07
C ARG B 84 2.03 17.94 -1.79
N THR B 85 1.52 18.60 -2.81
CA THR B 85 2.27 19.57 -3.61
C THR B 85 1.99 20.96 -3.08
N ARG B 86 3.02 21.60 -2.52
CA ARG B 86 2.85 22.94 -1.94
C ARG B 86 3.53 23.96 -2.85
N LYS B 87 2.72 24.83 -3.45
CA LYS B 87 3.25 25.99 -4.16
C LYS B 87 3.78 27.00 -3.16
N TRP B 88 5.02 27.36 -3.34
CA TRP B 88 5.61 28.36 -2.50
C TRP B 88 6.07 29.56 -3.37
N GLN B 89 6.02 30.75 -2.80
CA GLN B 89 6.41 31.99 -3.47
C GLN B 89 5.65 32.16 -4.78
N GLY B 93 11.09 36.32 -8.43
CA GLY B 93 10.43 35.80 -7.25
C GLY B 93 9.10 35.17 -7.55
N GLN B 94 9.11 34.25 -8.49
CA GLN B 94 7.92 33.54 -8.96
C GLN B 94 7.76 32.26 -8.14
N ASP B 95 6.97 31.35 -8.66
CA ASP B 95 6.34 30.29 -7.95
C ASP B 95 7.22 29.05 -8.01
N ARG B 96 7.32 28.29 -6.93
CA ARG B 96 8.10 27.08 -6.95
C ARG B 96 7.16 26.16 -6.26
N TYR B 97 7.06 24.94 -6.75
CA TYR B 97 6.14 23.91 -6.26
C TYR B 97 7.04 22.77 -5.80
N THR B 98 6.82 22.28 -4.58
CA THR B 98 7.45 21.04 -4.14
C THR B 98 6.39 20.00 -3.79
N THR B 99 6.63 18.76 -4.20
CA THR B 99 5.77 17.65 -3.83
C THR B 99 6.41 16.96 -2.64
N GLU B 100 5.72 16.91 -1.52
CA GLU B 100 6.26 16.26 -0.36
C GLU B 100 5.42 15.12 0.16
N ILE B 101 6.06 14.20 0.84
CA ILE B 101 5.40 13.09 1.50
C ILE B 101 5.08 13.56 2.91
N VAL B 102 3.82 13.86 3.14
CA VAL B 102 3.35 14.37 4.41
C VAL B 102 2.93 13.17 5.26
N VAL B 103 3.63 12.97 6.39
CA VAL B 103 3.35 11.89 7.34
C VAL B 103 2.77 12.54 8.59
N ASP B 104 1.46 12.37 8.80
CA ASP B 104 0.83 12.97 9.97
C ASP B 104 0.09 11.90 10.77
N ILE B 105 -0.98 12.29 11.48
CA ILE B 105 -1.73 11.34 12.30
C ILE B 105 -2.22 10.17 11.46
N ASN B 106 -2.59 10.43 10.20
CA ASN B 106 -3.08 9.40 9.29
C ASN B 106 -1.98 8.52 8.74
N GLY B 107 -0.71 8.86 8.95
CA GLY B 107 0.40 8.10 8.41
C GLY B 107 1.06 7.20 9.43
N ASN B 108 2.31 6.85 9.15
CA ASN B 108 3.02 5.94 10.03
C ASN B 108 4.49 6.03 9.71
N MET B 109 5.31 5.75 10.72
CA MET B 109 6.76 5.73 10.58
C MET B 109 7.30 4.61 11.45
N GLN B 110 8.30 3.88 10.95
CA GLN B 110 8.93 2.80 11.71
C GLN B 110 10.42 2.87 11.50
N LEU B 111 11.17 3.02 12.59
CA LEU B 111 12.61 2.93 12.51
C LEU B 111 12.99 1.47 12.33
N LEU B 112 13.98 1.21 11.48
CA LEU B 112 14.40 -0.15 11.16
C LEU B 112 15.89 -0.37 11.47
N GLY B 113 16.27 -1.64 11.49
CA GLY B 113 17.61 -2.01 11.89
C GLY B 113 17.68 -2.38 13.36
N ARG C 3 -12.10 -6.56 -12.37
CA ARG C 3 -11.51 -5.35 -11.79
C ARG C 3 -11.38 -5.44 -10.28
N GLY C 4 -10.23 -5.88 -9.79
CA GLY C 4 -10.01 -5.97 -8.36
C GLY C 4 -8.59 -5.60 -7.97
N VAL C 5 -8.43 -5.34 -6.69
CA VAL C 5 -7.13 -5.09 -6.09
C VAL C 5 -7.05 -5.95 -4.86
N ASN C 6 -5.89 -6.55 -4.64
CA ASN C 6 -5.67 -7.45 -3.53
C ASN C 6 -4.20 -7.31 -3.15
N LYS C 7 -3.92 -6.42 -2.22
CA LYS C 7 -2.55 -6.14 -1.86
C LYS C 7 -2.35 -6.19 -0.35
N VAL C 8 -1.21 -6.69 0.07
CA VAL C 8 -0.85 -6.77 1.48
C VAL C 8 0.57 -6.26 1.64
N ILE C 9 0.81 -5.48 2.68
CA ILE C 9 2.14 -4.96 2.94
C ILE C 9 2.47 -5.24 4.39
N LEU C 10 3.57 -5.95 4.62
CA LEU C 10 3.95 -6.33 5.95
C LEU C 10 5.41 -5.97 6.22
N VAL C 11 5.64 -5.41 7.39
CA VAL C 11 6.99 -5.24 7.92
C VAL C 11 7.00 -5.93 9.29
N GLY C 12 7.85 -6.92 9.44
CA GLY C 12 7.89 -7.64 10.69
C GLY C 12 9.11 -8.54 10.79
N ASN C 13 9.08 -9.40 11.82
CA ASN C 13 10.19 -10.27 12.16
C ASN C 13 9.86 -11.71 11.83
N VAL C 14 10.82 -12.39 11.22
CA VAL C 14 10.64 -13.78 10.84
C VAL C 14 10.56 -14.65 12.09
N GLY C 15 9.55 -15.51 12.15
CA GLY C 15 9.29 -16.31 13.33
C GLY C 15 10.29 -17.44 13.50
N GLY C 16 10.40 -18.26 12.47
CA GLY C 16 11.39 -19.31 12.46
C GLY C 16 12.11 -19.33 11.14
N ASP C 17 13.22 -20.06 11.11
CA ASP C 17 14.01 -20.16 9.89
C ASP C 17 13.13 -20.69 8.75
N PRO C 18 13.27 -20.14 7.56
CA PRO C 18 12.34 -20.50 6.47
C PRO C 18 12.42 -21.97 6.11
N GLU C 19 11.31 -22.48 5.60
CA GLU C 19 11.19 -23.84 5.11
C GLU C 19 11.07 -23.78 3.60
N THR C 20 12.12 -24.17 2.90
CA THR C 20 12.09 -24.18 1.45
C THR C 20 11.73 -25.57 0.93
N ARG C 21 10.85 -25.61 -0.05
CA ARG C 21 10.42 -26.81 -0.71
C ARG C 21 10.54 -26.56 -2.21
N TYR C 22 10.44 -27.60 -3.02
CA TYR C 22 10.59 -27.48 -4.46
C TYR C 22 9.47 -28.22 -5.17
N MET C 23 8.96 -27.60 -6.22
CA MET C 23 7.84 -28.15 -6.97
C MET C 23 8.30 -29.30 -7.88
N PRO C 24 7.37 -30.13 -8.34
CA PRO C 24 7.76 -31.18 -9.29
C PRO C 24 8.49 -30.63 -10.51
N ASN C 25 8.17 -29.39 -10.90
CA ASN C 25 8.89 -28.70 -11.96
C ASN C 25 10.18 -28.05 -11.47
N GLY C 26 10.51 -28.16 -10.18
CA GLY C 26 11.74 -27.62 -9.66
C GLY C 26 11.69 -26.16 -9.20
N ASN C 27 10.52 -25.52 -9.25
CA ASN C 27 10.38 -24.16 -8.75
C ASN C 27 10.35 -24.15 -7.23
N ALA C 28 11.13 -23.27 -6.62
CA ALA C 28 11.18 -23.19 -5.17
C ALA C 28 9.93 -22.52 -4.64
N VAL C 29 9.44 -23.02 -3.50
CA VAL C 29 8.44 -22.32 -2.72
C VAL C 29 8.87 -22.36 -1.27
N THR C 30 8.83 -21.21 -0.59
CA THR C 30 9.38 -21.05 0.74
C THR C 30 8.35 -20.45 1.69
N ASN C 31 8.15 -21.10 2.84
CA ASN C 31 7.23 -20.65 3.87
C ASN C 31 7.98 -20.03 5.04
N ILE C 32 7.39 -18.98 5.60
CA ILE C 32 7.80 -18.39 6.87
C ILE C 32 6.54 -18.02 7.63
N THR C 33 6.71 -17.77 8.91
CA THR C 33 5.74 -17.05 9.71
C THR C 33 6.36 -15.70 10.01
N LEU C 34 5.50 -14.69 10.14
CA LEU C 34 5.95 -13.31 10.28
C LEU C 34 5.09 -12.60 11.30
N ALA C 35 5.74 -11.94 12.24
CA ALA C 35 5.09 -11.31 13.38
C ALA C 35 5.08 -9.79 13.24
N THR C 36 3.90 -9.21 13.40
CA THR C 36 3.73 -7.77 13.53
C THR C 36 3.06 -7.44 14.85
N SER C 37 3.38 -6.28 15.41
CA SER C 37 2.84 -5.88 16.71
C SER C 37 2.05 -4.59 16.58
N GLU C 38 0.93 -4.51 17.30
CA GLU C 38 0.09 -3.33 17.28
C GLU C 38 -0.39 -3.03 18.70
N SER C 39 -1.15 -1.93 18.81
CA SER C 39 -1.85 -1.48 20.03
C SER C 39 -0.90 -0.78 21.00
N GLU C 50 0.08 -3.77 23.59
CA GLU C 50 0.93 -4.45 22.62
C GLU C 50 0.44 -5.87 22.34
N ARG C 51 0.17 -6.17 21.06
CA ARG C 51 -0.39 -7.45 20.62
C ARG C 51 0.35 -7.93 19.38
N THR C 52 0.72 -9.21 19.38
CA THR C 52 1.44 -9.82 18.27
C THR C 52 0.48 -10.54 17.35
N GLU C 53 0.59 -10.24 16.05
CA GLU C 53 -0.14 -10.94 15.00
C GLU C 53 0.83 -11.77 14.18
N TRP C 54 0.44 -13.01 13.86
CA TRP C 54 1.29 -13.91 13.10
C TRP C 54 0.70 -14.09 11.70
N HIS C 55 1.56 -13.94 10.70
CA HIS C 55 1.16 -14.05 9.31
C HIS C 55 1.89 -15.23 8.67
N ARG C 56 1.19 -15.96 7.84
CA ARG C 56 1.81 -17.02 7.06
C ARG C 56 2.12 -16.45 5.68
N VAL C 57 3.40 -16.32 5.38
CA VAL C 57 3.89 -15.80 4.11
C VAL C 57 4.49 -16.96 3.32
N VAL C 58 4.11 -17.08 2.06
CA VAL C 58 4.69 -18.07 1.18
C VAL C 58 5.30 -17.35 -0.04
N PHE C 59 6.60 -17.56 -0.26
CA PHE C 59 7.29 -17.02 -1.42
C PHE C 59 7.38 -18.06 -2.54
N PHE C 60 7.22 -17.61 -3.78
CA PHE C 60 7.34 -18.45 -4.97
C PHE C 60 8.45 -17.90 -5.86
N GLY C 61 8.80 -18.69 -6.88
CA GLY C 61 9.75 -18.32 -7.91
C GLY C 61 11.07 -17.84 -7.34
N ARG C 62 11.66 -16.85 -8.02
CA ARG C 62 12.97 -16.37 -7.59
C ARG C 62 12.96 -15.85 -6.15
N LEU C 63 11.84 -15.26 -5.69
CA LEU C 63 11.84 -14.67 -4.35
C LEU C 63 11.85 -15.75 -3.26
N ALA C 64 11.25 -16.91 -3.54
CA ALA C 64 11.39 -18.06 -2.64
C ALA C 64 12.85 -18.44 -2.44
N GLU C 65 13.62 -18.47 -3.54
CA GLU C 65 15.04 -18.75 -3.42
C GLU C 65 15.74 -17.67 -2.59
N ILE C 66 15.38 -16.41 -2.79
CA ILE C 66 16.04 -15.37 -1.99
C ILE C 66 15.60 -15.46 -0.53
N ALA C 67 14.33 -15.74 -0.27
CA ALA C 67 13.84 -15.87 1.10
C ALA C 67 14.61 -16.95 1.86
N GLY C 68 14.62 -18.18 1.32
CA GLY C 68 15.23 -19.29 2.04
C GLY C 68 16.72 -19.16 2.23
N GLU C 69 17.40 -18.44 1.34
CA GLU C 69 18.84 -18.28 1.45
C GLU C 69 19.23 -17.18 2.43
N TYR C 70 18.41 -16.11 2.53
CA TYR C 70 18.85 -14.93 3.26
C TYR C 70 18.09 -14.66 4.55
N LEU C 71 16.90 -15.22 4.74
CA LEU C 71 16.17 -14.98 5.97
C LEU C 71 16.49 -16.03 7.03
N ARG C 72 16.59 -15.57 8.27
CA ARG C 72 16.70 -16.44 9.43
C ARG C 72 15.62 -16.05 10.44
N LYS C 73 15.47 -16.89 11.46
CA LYS C 73 14.69 -16.49 12.63
C LYS C 73 15.15 -15.12 13.09
N GLY C 74 14.18 -14.23 13.37
CA GLY C 74 14.48 -12.91 13.87
C GLY C 74 14.62 -11.83 12.82
N SER C 75 14.87 -12.21 11.56
CA SER C 75 15.04 -11.23 10.48
C SER C 75 13.88 -10.24 10.42
N GLN C 76 14.21 -8.95 10.35
CA GLN C 76 13.23 -7.95 9.95
C GLN C 76 13.13 -7.91 8.43
N VAL C 77 11.91 -8.01 7.92
CA VAL C 77 11.71 -8.04 6.47
C VAL C 77 10.45 -7.26 6.11
N TYR C 78 10.51 -6.65 4.92
CA TYR C 78 9.37 -6.05 4.25
C TYR C 78 8.81 -7.06 3.27
N VAL C 79 7.50 -7.12 3.17
CA VAL C 79 6.86 -8.12 2.34
C VAL C 79 5.64 -7.49 1.69
N GLU C 80 5.52 -7.70 0.38
CA GLU C 80 4.43 -7.23 -0.44
C GLU C 80 3.85 -8.40 -1.24
N GLY C 81 2.55 -8.61 -1.11
CA GLY C 81 1.94 -9.71 -1.83
C GLY C 81 0.45 -9.60 -1.85
N SER C 82 -0.21 -10.75 -2.00
CA SER C 82 -1.66 -10.77 -2.06
C SER C 82 -2.23 -11.91 -1.20
N LEU C 83 -3.45 -11.71 -0.75
CA LEU C 83 -4.13 -12.64 0.15
C LEU C 83 -4.77 -13.77 -0.65
N ARG C 84 -4.48 -15.01 -0.28
CA ARG C 84 -5.31 -16.11 -0.78
C ARG C 84 -5.56 -17.16 0.30
N THR C 85 -6.81 -17.57 0.40
CA THR C 85 -7.27 -18.56 1.36
C THR C 85 -7.17 -19.94 0.73
N ARG C 86 -6.37 -20.80 1.32
CA ARG C 86 -6.07 -22.11 0.73
C ARG C 86 -6.97 -23.16 1.37
N LYS C 87 -7.76 -23.85 0.56
CA LYS C 87 -8.65 -24.91 1.07
C LYS C 87 -7.88 -26.22 1.15
N TRP C 88 -7.95 -26.87 2.30
CA TRP C 88 -7.22 -28.13 2.52
C TRP C 88 -7.94 -28.96 3.59
N GLN C 89 -8.20 -30.22 3.28
CA GLN C 89 -8.96 -31.09 4.17
C GLN C 89 -8.05 -32.05 4.92
N GLY C 90 -8.33 -32.23 6.20
CA GLY C 90 -7.58 -33.17 7.01
C GLY C 90 -6.11 -32.79 7.16
N ASP C 95 -12.18 -30.40 6.23
CA ASP C 95 -12.20 -29.13 5.52
C ASP C 95 -11.62 -28.03 6.39
N ARG C 96 -10.47 -27.52 5.99
CA ARG C 96 -9.86 -26.40 6.69
C ARG C 96 -9.31 -25.40 5.69
N TYR C 97 -8.99 -24.21 6.20
CA TYR C 97 -8.63 -23.07 5.39
C TYR C 97 -7.47 -22.36 6.03
N THR C 98 -6.44 -22.11 5.24
CA THR C 98 -5.33 -21.26 5.66
C THR C 98 -5.28 -20.05 4.74
N THR C 99 -5.41 -18.86 5.33
CA THR C 99 -5.21 -17.61 4.60
C THR C 99 -3.73 -17.26 4.63
N GLU C 100 -3.12 -17.10 3.47
CA GLU C 100 -1.70 -16.79 3.36
C GLU C 100 -1.47 -15.55 2.50
N ILE C 101 -0.38 -14.85 2.82
CA ILE C 101 0.13 -13.77 1.99
C ILE C 101 1.05 -14.39 0.94
N VAL C 102 0.63 -14.34 -0.30
CA VAL C 102 1.38 -14.94 -1.41
C VAL C 102 2.28 -13.89 -2.02
N VAL C 103 3.59 -14.13 -1.96
CA VAL C 103 4.60 -13.25 -2.51
C VAL C 103 5.18 -13.92 -3.76
N ASP C 104 4.82 -13.39 -4.93
CA ASP C 104 5.33 -13.90 -6.20
C ASP C 104 5.80 -12.73 -7.08
N ILE C 105 5.79 -12.95 -8.40
CA ILE C 105 6.36 -11.97 -9.32
C ILE C 105 5.69 -10.60 -9.22
N ASN C 106 4.43 -10.56 -8.82
CA ASN C 106 3.69 -9.31 -8.66
C ASN C 106 3.91 -8.66 -7.30
N GLY C 107 4.76 -9.23 -6.46
CA GLY C 107 5.05 -8.65 -5.17
C GLY C 107 6.52 -8.37 -4.98
N ASN C 108 6.98 -8.45 -3.73
CA ASN C 108 8.23 -7.84 -3.36
C ASN C 108 8.60 -8.34 -1.98
N MET C 109 9.90 -8.34 -1.71
CA MET C 109 10.45 -8.69 -0.41
C MET C 109 11.73 -7.89 -0.24
N GLN C 110 11.93 -7.29 0.94
CA GLN C 110 13.19 -6.57 1.21
C GLN C 110 13.67 -6.85 2.62
N LEU C 111 14.90 -7.36 2.76
CA LEU C 111 15.48 -7.61 4.06
C LEU C 111 15.98 -6.32 4.68
N LEU C 112 15.59 -6.05 5.92
CA LEU C 112 15.94 -4.82 6.63
C LEU C 112 17.00 -5.11 7.69
N GLY C 113 17.50 -4.06 8.36
CA GLY C 113 18.53 -4.24 9.37
C GLY C 113 19.95 -3.91 8.93
N ARG D 3 4.89 -1.74 16.77
CA ARG D 3 6.05 -2.08 15.93
C ARG D 3 5.71 -3.09 14.84
N GLY D 4 6.25 -2.86 13.65
CA GLY D 4 5.83 -3.58 12.47
C GLY D 4 4.71 -2.88 11.71
N VAL D 5 4.40 -3.41 10.54
CA VAL D 5 3.42 -2.85 9.62
C VAL D 5 2.53 -3.97 9.14
N ASN D 6 1.24 -3.71 9.13
CA ASN D 6 0.22 -4.74 8.92
C ASN D 6 -0.88 -4.05 8.13
N LYS D 7 -0.79 -4.12 6.80
CA LYS D 7 -1.64 -3.30 5.96
C LYS D 7 -2.25 -4.14 4.84
N VAL D 8 -3.55 -4.00 4.63
CA VAL D 8 -4.26 -4.70 3.57
C VAL D 8 -5.06 -3.68 2.77
N ILE D 9 -5.02 -3.81 1.46
CA ILE D 9 -5.69 -2.87 0.57
C ILE D 9 -6.46 -3.70 -0.42
N LEU D 10 -7.76 -3.56 -0.40
CA LEU D 10 -8.58 -4.37 -1.28
C LEU D 10 -9.50 -3.46 -2.08
N VAL D 11 -9.74 -3.84 -3.32
CA VAL D 11 -10.82 -3.29 -4.12
C VAL D 11 -11.58 -4.48 -4.66
N GLY D 12 -12.84 -4.60 -4.26
CA GLY D 12 -13.66 -5.70 -4.70
C GLY D 12 -15.12 -5.37 -4.50
N ASN D 13 -15.95 -6.40 -4.67
CA ASN D 13 -17.39 -6.27 -4.62
C ASN D 13 -17.95 -6.97 -3.38
N VAL D 14 -18.90 -6.31 -2.73
CA VAL D 14 -19.47 -6.84 -1.51
C VAL D 14 -20.29 -8.08 -1.83
N GLY D 15 -20.02 -9.18 -1.14
CA GLY D 15 -20.67 -10.43 -1.48
C GLY D 15 -22.15 -10.45 -1.16
N GLY D 16 -22.53 -9.85 -0.02
CA GLY D 16 -23.90 -9.91 0.42
C GLY D 16 -24.25 -8.67 1.21
N ASP D 17 -25.55 -8.50 1.43
CA ASP D 17 -26.05 -7.36 2.18
C ASP D 17 -25.32 -7.27 3.52
N PRO D 18 -24.81 -6.12 3.90
CA PRO D 18 -24.02 -6.04 5.13
C PRO D 18 -24.86 -6.21 6.38
N GLU D 19 -24.21 -6.65 7.45
CA GLU D 19 -24.83 -6.87 8.75
C GLU D 19 -24.22 -5.90 9.75
N THR D 20 -25.04 -5.02 10.31
CA THR D 20 -24.55 -4.15 11.39
C THR D 20 -25.10 -4.64 12.71
N ARG D 21 -24.21 -4.76 13.69
CA ARG D 21 -24.59 -5.22 15.02
C ARG D 21 -24.04 -4.22 16.02
N TYR D 22 -24.86 -3.84 16.99
CA TYR D 22 -24.42 -2.97 18.06
C TYR D 22 -24.24 -3.82 19.30
N MET D 23 -23.11 -3.67 19.96
CA MET D 23 -22.73 -4.46 21.09
C MET D 23 -22.97 -3.67 22.38
N PRO D 24 -23.12 -4.38 23.54
CA PRO D 24 -23.48 -3.71 24.80
C PRO D 24 -22.78 -2.38 25.06
N ASN D 25 -21.55 -2.23 24.57
CA ASN D 25 -20.79 -1.00 24.75
C ASN D 25 -21.23 0.13 23.84
N GLY D 26 -22.26 -0.09 23.02
CA GLY D 26 -22.74 0.92 22.10
C GLY D 26 -21.98 1.04 20.79
N ASN D 27 -21.13 0.07 20.47
CA ASN D 27 -20.29 0.16 19.28
C ASN D 27 -20.94 -0.53 18.09
N ALA D 28 -20.84 0.11 16.94
CA ALA D 28 -21.15 -0.56 15.68
C ALA D 28 -20.04 -1.54 15.34
N VAL D 29 -20.42 -2.72 14.88
CA VAL D 29 -19.52 -3.66 14.23
C VAL D 29 -20.29 -4.26 13.07
N THR D 30 -19.79 -4.06 11.85
CA THR D 30 -20.46 -4.61 10.68
C THR D 30 -19.50 -5.51 9.92
N ASN D 31 -19.96 -6.71 9.61
CA ASN D 31 -19.20 -7.70 8.86
C ASN D 31 -19.75 -7.73 7.44
N ILE D 32 -18.84 -7.88 6.47
CA ILE D 32 -19.19 -8.16 5.09
C ILE D 32 -18.22 -9.23 4.63
N THR D 33 -18.53 -9.84 3.49
CA THR D 33 -17.54 -10.54 2.70
C THR D 33 -17.25 -9.70 1.47
N LEU D 34 -16.08 -9.92 0.90
CA LEU D 34 -15.60 -9.10 -0.21
C LEU D 34 -14.92 -10.02 -1.18
N ALA D 35 -15.30 -9.91 -2.45
CA ALA D 35 -14.74 -10.71 -3.52
C ALA D 35 -13.79 -9.84 -4.33
N THR D 36 -12.52 -10.23 -4.40
CA THR D 36 -11.55 -9.58 -5.26
C THR D 36 -11.18 -10.57 -6.36
N SER D 37 -11.14 -10.09 -7.59
CA SER D 37 -10.96 -10.93 -8.75
C SER D 37 -9.78 -10.45 -9.56
N GLU D 38 -8.97 -11.41 -10.02
CA GLU D 38 -7.85 -11.16 -10.91
C GLU D 38 -8.13 -11.82 -12.26
N SER D 39 -7.79 -11.12 -13.33
CA SER D 39 -8.18 -11.52 -14.69
C SER D 39 -6.95 -11.94 -15.49
N TRP D 40 -6.90 -13.23 -15.81
CA TRP D 40 -5.78 -13.95 -16.36
C TRP D 40 -5.74 -13.81 -17.88
N LYS D 41 -4.81 -14.53 -18.53
CA LYS D 41 -4.75 -14.61 -19.98
C LYS D 41 -3.73 -15.64 -20.45
N ASP D 42 -4.19 -16.70 -21.12
CA ASP D 42 -3.27 -17.60 -21.80
C ASP D 42 -4.03 -18.49 -22.78
N LYS D 43 -3.34 -18.87 -23.86
CA LYS D 43 -3.90 -19.75 -24.88
C LYS D 43 -2.92 -20.89 -25.18
N ARG D 51 -9.22 -17.06 -9.98
CA ARG D 51 -9.89 -15.90 -10.54
C ARG D 51 -10.47 -15.03 -9.44
N THR D 52 -11.13 -15.66 -8.46
CA THR D 52 -11.91 -14.94 -7.45
C THR D 52 -11.42 -15.29 -6.05
N GLU D 53 -11.24 -14.27 -5.22
CA GLU D 53 -10.81 -14.43 -3.85
C GLU D 53 -11.83 -13.78 -2.94
N TRP D 54 -12.07 -14.41 -1.78
CA TRP D 54 -13.14 -14.02 -0.87
C TRP D 54 -12.53 -13.60 0.44
N HIS D 55 -12.89 -12.42 0.91
CA HIS D 55 -12.28 -11.85 2.10
C HIS D 55 -13.38 -11.57 3.10
N ARG D 56 -13.07 -11.78 4.38
CA ARG D 56 -13.95 -11.36 5.46
C ARG D 56 -13.43 -10.05 6.04
N VAL D 57 -14.24 -9.01 5.93
CA VAL D 57 -13.88 -7.66 6.36
C VAL D 57 -14.78 -7.28 7.53
N VAL D 58 -14.19 -6.61 8.53
CA VAL D 58 -14.90 -6.21 9.74
C VAL D 58 -14.67 -4.73 10.01
N PHE D 59 -15.75 -3.97 10.10
CA PHE D 59 -15.68 -2.56 10.43
C PHE D 59 -16.07 -2.33 11.88
N PHE D 60 -15.32 -1.50 12.57
CA PHE D 60 -15.60 -1.03 13.91
C PHE D 60 -15.76 0.48 13.90
N GLY D 61 -16.50 1.00 14.88
CA GLY D 61 -16.50 2.43 15.13
C GLY D 61 -17.22 3.20 14.04
N ARG D 62 -16.69 4.39 13.76
CA ARG D 62 -17.33 5.29 12.80
C ARG D 62 -17.48 4.63 11.43
N LEU D 63 -16.40 4.01 10.92
CA LEU D 63 -16.49 3.36 9.62
C LEU D 63 -17.44 2.16 9.63
N ALA D 64 -17.67 1.57 10.80
CA ALA D 64 -18.72 0.56 10.90
C ALA D 64 -20.08 1.18 10.59
N GLU D 65 -20.33 2.39 11.08
CA GLU D 65 -21.60 3.04 10.76
C GLU D 65 -21.71 3.32 9.25
N ILE D 66 -20.67 3.93 8.67
CA ILE D 66 -20.71 4.28 7.25
C ILE D 66 -20.82 3.02 6.38
N ALA D 67 -20.18 1.93 6.80
CA ALA D 67 -20.27 0.69 6.03
C ALA D 67 -21.69 0.14 6.04
N GLY D 68 -22.29 0.04 7.22
CA GLY D 68 -23.64 -0.50 7.30
C GLY D 68 -24.65 0.32 6.52
N GLU D 69 -24.42 1.63 6.42
CA GLU D 69 -25.40 2.51 5.77
C GLU D 69 -25.39 2.34 4.25
N TYR D 70 -24.21 2.42 3.65
CA TYR D 70 -24.08 2.61 2.20
C TYR D 70 -23.81 1.34 1.43
N LEU D 71 -23.18 0.34 2.03
CA LEU D 71 -22.80 -0.82 1.24
C LEU D 71 -24.00 -1.74 1.03
N ARG D 72 -24.03 -2.36 -0.14
CA ARG D 72 -25.09 -3.29 -0.50
C ARG D 72 -24.47 -4.43 -1.29
N LYS D 73 -25.30 -5.42 -1.63
CA LYS D 73 -24.84 -6.49 -2.50
C LYS D 73 -24.23 -5.92 -3.77
N GLY D 74 -22.96 -6.25 -4.02
CA GLY D 74 -22.32 -5.87 -5.25
C GLY D 74 -21.81 -4.44 -5.31
N SER D 75 -21.82 -3.72 -4.20
CA SER D 75 -21.13 -2.43 -4.17
C SER D 75 -19.64 -2.66 -4.42
N GLN D 76 -19.03 -1.76 -5.19
CA GLN D 76 -17.58 -1.73 -5.34
C GLN D 76 -17.00 -0.85 -4.25
N VAL D 77 -15.99 -1.34 -3.53
CA VAL D 77 -15.43 -0.57 -2.43
C VAL D 77 -13.91 -0.73 -2.38
N TYR D 78 -13.25 0.35 -2.00
CA TYR D 78 -11.89 0.35 -1.53
C TYR D 78 -11.89 0.11 -0.02
N VAL D 79 -11.03 -0.81 0.42
CA VAL D 79 -10.93 -1.12 1.83
C VAL D 79 -9.46 -1.13 2.22
N GLU D 80 -9.15 -0.48 3.33
CA GLU D 80 -7.81 -0.42 3.89
C GLU D 80 -7.90 -0.79 5.36
N GLY D 81 -7.19 -1.84 5.75
CA GLY D 81 -7.27 -2.30 7.12
C GLY D 81 -6.07 -3.06 7.56
N SER D 82 -6.26 -3.87 8.59
CA SER D 82 -5.21 -4.73 9.12
C SER D 82 -5.67 -6.17 9.11
N LEU D 83 -4.69 -7.07 9.02
CA LEU D 83 -4.94 -8.49 9.05
C LEU D 83 -5.04 -8.95 10.51
N ARG D 84 -6.08 -9.75 10.79
CA ARG D 84 -6.22 -10.35 12.11
C ARG D 84 -6.74 -11.77 11.99
N THR D 85 -6.03 -12.70 12.60
CA THR D 85 -6.40 -14.12 12.58
C THR D 85 -6.90 -14.51 13.96
N ARG D 86 -8.13 -15.02 14.03
CA ARG D 86 -8.79 -15.38 15.27
C ARG D 86 -8.82 -16.90 15.42
N LYS D 87 -8.22 -17.40 16.49
CA LYS D 87 -8.23 -18.83 16.79
C LYS D 87 -9.54 -19.24 17.47
N TRP D 88 -10.00 -20.45 17.16
CA TRP D 88 -11.20 -20.99 17.80
C TRP D 88 -11.24 -22.51 17.68
N GLN D 89 -11.83 -23.14 18.69
CA GLN D 89 -12.01 -24.60 18.70
C GLN D 89 -13.36 -24.91 18.07
N GLY D 90 -13.35 -25.69 16.99
CA GLY D 90 -14.59 -26.12 16.38
C GLY D 90 -15.34 -27.10 17.28
N GLN D 91 -16.54 -27.50 16.83
CA GLN D 91 -17.29 -28.50 17.57
C GLN D 91 -16.62 -29.87 17.52
N ASP D 92 -15.90 -30.18 16.45
CA ASP D 92 -15.11 -31.42 16.47
C ASP D 92 -13.94 -31.39 17.45
N GLY D 93 -13.85 -30.44 18.38
CA GLY D 93 -12.71 -30.33 19.26
C GLY D 93 -11.48 -29.65 18.68
N GLN D 94 -11.36 -29.55 17.36
CA GLN D 94 -10.13 -29.06 16.74
C GLN D 94 -10.07 -27.54 16.63
N ASP D 95 -8.88 -27.00 16.85
CA ASP D 95 -8.62 -25.58 16.60
C ASP D 95 -8.78 -25.26 15.10
N ARG D 96 -9.34 -24.09 14.83
CA ARG D 96 -9.42 -23.58 13.48
C ARG D 96 -9.07 -22.09 13.50
N TYR D 97 -8.80 -21.53 12.32
CA TYR D 97 -8.29 -20.16 12.20
C TYR D 97 -9.06 -19.40 11.14
N THR D 98 -9.56 -18.23 11.52
CA THR D 98 -10.21 -17.30 10.60
C THR D 98 -9.40 -16.02 10.54
N THR D 99 -8.94 -15.68 9.34
CA THR D 99 -8.19 -14.45 9.11
C THR D 99 -9.15 -13.42 8.54
N GLU D 100 -9.22 -12.26 9.20
CA GLU D 100 -10.09 -11.19 8.75
C GLU D 100 -9.30 -9.93 8.45
N ILE D 101 -9.97 -9.04 7.74
CA ILE D 101 -9.46 -7.72 7.45
C ILE D 101 -10.20 -6.75 8.37
N VAL D 102 -9.49 -6.21 9.36
CA VAL D 102 -10.09 -5.31 10.32
C VAL D 102 -9.89 -3.86 9.83
N VAL D 103 -11.01 -3.18 9.63
CA VAL D 103 -11.07 -1.80 9.18
C VAL D 103 -11.61 -0.99 10.34
N ASP D 104 -10.80 -0.12 10.91
CA ASP D 104 -11.22 0.71 12.02
C ASP D 104 -10.70 2.13 11.78
N ILE D 105 -10.57 2.90 12.87
CA ILE D 105 -10.16 4.30 12.76
C ILE D 105 -8.80 4.40 12.10
N ASN D 106 -7.98 3.37 12.24
CA ASN D 106 -6.67 3.33 11.62
C ASN D 106 -6.72 2.94 10.15
N GLY D 107 -7.86 2.46 9.67
CA GLY D 107 -8.04 2.11 8.29
C GLY D 107 -8.81 3.17 7.54
N ASN D 108 -9.64 2.71 6.61
CA ASN D 108 -10.22 3.59 5.62
C ASN D 108 -11.16 2.77 4.77
N MET D 109 -12.28 3.36 4.35
CA MET D 109 -13.21 2.75 3.41
C MET D 109 -13.65 3.82 2.43
N GLN D 110 -13.82 3.43 1.18
CA GLN D 110 -14.30 4.36 0.15
C GLN D 110 -15.24 3.60 -0.77
N LEU D 111 -16.52 3.91 -0.68
CA LEU D 111 -17.47 3.39 -1.66
C LEU D 111 -17.11 3.91 -3.04
N LEU D 112 -17.31 3.08 -4.05
CA LEU D 112 -16.86 3.38 -5.41
C LEU D 112 -18.04 3.35 -6.37
N GLY D 113 -17.96 4.18 -7.40
CA GLY D 113 -19.03 4.31 -8.36
C GLY D 113 -19.53 5.75 -8.46
#